data_9BRV
#
_entry.id   9BRV
#
_cell.length_a   83.281
_cell.length_b   83.281
_cell.length_c   132.969
_cell.angle_alpha   90.000
_cell.angle_beta   90.000
_cell.angle_gamma   120.000
#
_symmetry.space_group_name_H-M   'P 32'
#
loop_
_entity.id
_entity.type
_entity.pdbx_description
1 polymer 'Papain-like protease nsp3'
2 non-polymer "N-[2-(dimethylamino)ethyl]-N'-(3-methylphenyl)thiourea"
3 non-polymer 'ZINC ION'
4 non-polymer 'SULFATE ION'
5 non-polymer 'CHLORIDE ION'
6 water water
#
_entity_poly.entity_id   1
_entity_poly.type   'polypeptide(L)'
_entity_poly.pdbx_seq_one_letter_code
;GSHMREVRTIKVFTTVDNINLHTQVVDMSMTYGQQFGPTYLDGADVTKIKPHNSHEGKTFYVLPNDDTLRVEAFEYYHTT
DPSFLGRYMSALNHTKKWKYPQVNGLTSIKWADNNSYLATALLTLQQIELKFNPPALQDAYYRARAGEAANFCALILAYC
NKTVGELGDVRETMSYLFQHANLDSCKRVLNVVCKTCGQQQTTLKGVEAVMYMGTLSYEQFKKGVQIPCTCGKQATKYLV
QQESPFVMMSAPPAQYELKHGTFTCASEYTGNYQSGHYKHITSKETLYCIDGALLTKSSEYKGPITDVFYKENSYTTTIK
P
;
_entity_poly.pdbx_strand_id   A,B
#
# COMPACT_ATOMS: atom_id res chain seq x y z
N MET A 4 49.84 17.05 -0.19
CA MET A 4 48.93 17.53 -1.24
C MET A 4 48.25 18.87 -0.89
N ARG A 5 48.45 19.88 -1.74
CA ARG A 5 47.89 21.21 -1.50
C ARG A 5 46.51 21.36 -2.13
N GLU A 6 45.61 22.04 -1.42
CA GLU A 6 44.21 22.20 -1.81
C GLU A 6 43.49 20.85 -1.93
N VAL A 7 42.19 20.87 -2.14
CA VAL A 7 41.45 19.63 -2.22
C VAL A 7 41.44 19.13 -3.65
N ARG A 8 41.64 17.82 -3.80
CA ARG A 8 41.48 17.15 -5.08
CA ARG A 8 41.48 17.16 -5.09
C ARG A 8 40.02 16.74 -5.21
N THR A 9 39.42 17.01 -6.36
CA THR A 9 37.99 16.80 -6.52
C THR A 9 37.68 16.13 -7.85
N ILE A 10 36.42 15.69 -7.97
CA ILE A 10 35.85 15.19 -9.22
C ILE A 10 34.41 15.71 -9.33
N LYS A 11 33.94 15.76 -10.56
CA LYS A 11 32.54 16.08 -10.83
C LYS A 11 31.72 14.80 -10.92
N VAL A 12 30.64 14.73 -10.16
CA VAL A 12 29.65 13.68 -10.28
C VAL A 12 28.28 14.35 -10.34
N PHE A 13 27.28 13.56 -10.72
CA PHE A 13 25.89 14.00 -10.72
C PHE A 13 25.10 13.18 -9.72
N THR A 14 24.30 13.87 -8.88
CA THR A 14 23.32 13.24 -8.02
C THR A 14 21.94 13.26 -8.67
N THR A 15 21.08 12.33 -8.24
CA THR A 15 19.74 12.23 -8.80
C THR A 15 18.83 11.50 -7.81
N VAL A 16 17.53 11.69 -8.00
CA VAL A 16 16.55 10.82 -7.37
C VAL A 16 15.76 10.00 -8.38
N ASP A 17 15.62 10.49 -9.63
CA ASP A 17 14.81 9.82 -10.64
C ASP A 17 15.62 9.31 -11.82
N ASN A 18 16.94 9.50 -11.79
CA ASN A 18 17.89 9.11 -12.84
C ASN A 18 17.66 9.80 -14.17
N ILE A 19 16.86 10.87 -14.20
CA ILE A 19 16.67 11.68 -15.40
C ILE A 19 17.15 13.10 -15.13
N ASN A 20 16.62 13.72 -14.09
CA ASN A 20 17.08 15.03 -13.67
C ASN A 20 18.41 14.89 -12.95
N LEU A 21 19.47 15.46 -13.51
CA LEU A 21 20.81 15.40 -12.93
C LEU A 21 21.16 16.69 -12.20
N HIS A 22 21.98 16.56 -11.16
CA HIS A 22 22.40 17.70 -10.36
C HIS A 22 23.91 17.68 -10.21
N THR A 23 24.58 18.69 -10.81
CA THR A 23 26.03 18.75 -10.79
C THR A 23 26.55 18.89 -9.37
N GLN A 24 27.59 18.14 -9.03
CA GLN A 24 28.25 18.24 -7.74
C GLN A 24 29.76 18.19 -7.94
N VAL A 25 30.49 18.99 -7.18
CA VAL A 25 31.91 18.78 -7.00
C VAL A 25 32.10 18.09 -5.66
N VAL A 26 32.80 16.96 -5.65
CA VAL A 26 32.99 16.21 -4.41
C VAL A 26 34.47 16.22 -4.05
N ASP A 27 34.73 16.26 -2.75
CA ASP A 27 36.11 16.19 -2.27
C ASP A 27 36.47 14.73 -2.12
N MET A 28 37.55 14.31 -2.80
CA MET A 28 37.90 12.90 -2.79
C MET A 28 38.44 12.44 -1.45
N SER A 29 38.75 13.36 -0.54
CA SER A 29 39.25 12.97 0.76
C SER A 29 38.14 12.60 1.73
N MET A 30 36.88 12.84 1.35
CA MET A 30 35.72 12.54 2.17
C MET A 30 34.86 11.47 1.51
N THR A 31 34.06 10.78 2.33
CA THR A 31 33.19 9.77 1.74
C THR A 31 31.99 10.44 1.08
N TYR A 32 31.26 9.65 0.29
CA TYR A 32 30.01 10.15 -0.28
C TYR A 32 29.00 10.45 0.82
N GLY A 33 28.96 9.60 1.86
CA GLY A 33 28.02 9.82 2.94
C GLY A 33 28.28 11.13 3.67
N GLN A 34 29.55 11.47 3.87
CA GLN A 34 29.89 12.73 4.52
C GLN A 34 29.41 13.92 3.70
N GLN A 35 29.38 13.80 2.38
CA GLN A 35 29.02 14.92 1.52
C GLN A 35 27.57 14.90 1.05
N PHE A 36 26.94 13.73 0.91
CA PHE A 36 25.61 13.65 0.31
C PHE A 36 24.54 13.09 1.24
N GLY A 37 24.90 12.50 2.37
CA GLY A 37 24.01 11.56 3.01
C GLY A 37 24.09 10.25 2.26
N PRO A 38 23.16 9.32 2.51
CA PRO A 38 23.26 7.99 1.87
C PRO A 38 23.29 8.09 0.35
N THR A 39 24.31 7.47 -0.23
CA THR A 39 24.55 7.54 -1.67
C THR A 39 24.64 6.14 -2.26
N TYR A 40 24.14 5.99 -3.49
CA TYR A 40 24.16 4.71 -4.18
C TYR A 40 24.60 4.88 -5.62
N LEU A 41 25.30 3.85 -6.12
CA LEU A 41 25.77 3.76 -7.50
C LEU A 41 25.16 2.52 -8.15
N ASP A 42 24.22 2.72 -9.06
CA ASP A 42 23.50 1.64 -9.73
C ASP A 42 23.11 0.53 -8.75
N GLY A 43 22.52 0.94 -7.62
CA GLY A 43 22.02 0.03 -6.60
C GLY A 43 22.95 -0.16 -5.42
N ALA A 44 24.25 -0.05 -5.65
CA ALA A 44 25.22 -0.35 -4.62
C ALA A 44 25.36 0.82 -3.66
N ASP A 45 25.46 0.51 -2.37
CA ASP A 45 25.50 1.53 -1.33
C ASP A 45 26.94 2.01 -1.19
N VAL A 46 27.26 3.17 -1.78
CA VAL A 46 28.62 3.71 -1.73
C VAL A 46 28.75 4.71 -0.58
N THR A 47 27.79 4.76 0.34
CA THR A 47 27.78 5.80 1.37
C THR A 47 29.10 5.91 2.11
N LYS A 48 29.75 4.78 2.38
CA LYS A 48 30.98 4.75 3.15
C LYS A 48 32.23 4.70 2.26
N ILE A 49 32.09 5.06 0.99
CA ILE A 49 33.16 4.99 0.00
C ILE A 49 33.61 6.41 -0.32
N LYS A 50 34.92 6.58 -0.48
CA LYS A 50 35.49 7.82 -0.97
C LYS A 50 35.53 7.82 -2.50
N PRO A 51 35.35 8.96 -3.15
CA PRO A 51 35.26 8.97 -4.62
C PRO A 51 36.52 8.42 -5.31
N HIS A 52 36.33 7.90 -6.53
CA HIS A 52 37.39 7.39 -7.39
C HIS A 52 37.44 8.24 -8.66
N ASN A 53 38.60 8.22 -9.32
CA ASN A 53 38.68 8.89 -10.62
C ASN A 53 37.71 8.25 -11.61
N SER A 54 37.46 6.95 -11.49
CA SER A 54 36.51 6.29 -12.37
C SER A 54 35.09 6.80 -12.15
N HIS A 55 34.80 7.35 -10.98
CA HIS A 55 33.47 7.87 -10.70
C HIS A 55 33.17 9.17 -11.44
N GLU A 56 34.17 9.84 -12.02
CA GLU A 56 33.94 11.11 -12.70
C GLU A 56 32.82 10.98 -13.72
N GLY A 57 31.86 11.90 -13.64
CA GLY A 57 30.77 11.94 -14.59
C GLY A 57 29.63 10.99 -14.33
N LYS A 58 29.79 10.04 -13.40
CA LYS A 58 28.76 9.06 -13.12
C LYS A 58 27.60 9.69 -12.33
N THR A 59 26.46 9.02 -12.40
CA THR A 59 25.24 9.42 -11.70
C THR A 59 25.06 8.62 -10.42
N PHE A 60 24.85 9.32 -9.32
CA PHE A 60 24.60 8.68 -8.02
C PHE A 60 23.19 9.01 -7.53
N TYR A 61 22.47 7.99 -7.07
CA TYR A 61 21.22 8.21 -6.36
C TYR A 61 21.50 8.74 -4.97
N VAL A 62 20.70 9.70 -4.52
CA VAL A 62 20.76 10.17 -3.15
C VAL A 62 19.34 10.28 -2.64
N LEU A 63 19.20 10.39 -1.31
CA LEU A 63 17.88 10.61 -0.74
C LEU A 63 17.47 12.07 -0.89
N PRO A 64 16.17 12.34 -0.98
CA PRO A 64 15.72 13.74 -1.15
C PRO A 64 15.84 14.60 0.10
N ASN A 65 16.94 15.34 0.22
CA ASN A 65 17.19 16.22 1.35
C ASN A 65 16.95 17.69 1.08
N ASP A 66 16.41 18.04 -0.08
CA ASP A 66 16.19 19.45 -0.38
C ASP A 66 14.93 19.52 -1.23
N ASP A 67 14.27 20.67 -1.22
CA ASP A 67 12.93 20.70 -1.78
C ASP A 67 12.90 20.39 -3.28
N THR A 68 14.01 20.62 -3.98
CA THR A 68 14.07 20.28 -5.39
C THR A 68 14.06 18.76 -5.59
N LEU A 69 14.84 18.04 -4.79
CA LEU A 69 14.84 16.59 -4.91
C LEU A 69 13.50 15.99 -4.46
N ARG A 70 12.86 16.62 -3.47
CA ARG A 70 11.59 16.12 -2.95
C ARG A 70 10.51 16.17 -4.03
N VAL A 71 10.39 17.30 -4.71
CA VAL A 71 9.39 17.45 -5.75
C VAL A 71 9.65 16.45 -6.88
N GLU A 72 10.90 16.31 -7.29
CA GLU A 72 11.26 15.34 -8.33
C GLU A 72 10.91 13.92 -7.89
N ALA A 73 11.33 13.54 -6.68
CA ALA A 73 11.09 12.19 -6.19
C ALA A 73 9.61 11.88 -6.20
N PHE A 74 8.78 12.77 -5.64
CA PHE A 74 7.36 12.49 -5.59
C PHE A 74 6.76 12.49 -7.00
N GLU A 75 7.12 13.45 -7.83
CA GLU A 75 6.58 13.46 -9.19
C GLU A 75 6.90 12.16 -9.89
N TYR A 76 8.06 11.58 -9.59
CA TYR A 76 8.49 10.39 -10.32
C TYR A 76 7.94 9.11 -9.72
N TYR A 77 7.87 9.03 -8.39
CA TYR A 77 7.52 7.79 -7.70
C TYR A 77 6.12 7.81 -7.10
N HIS A 78 5.54 8.98 -6.88
CA HIS A 78 4.22 9.08 -6.24
C HIS A 78 4.24 8.50 -4.82
N THR A 79 5.35 8.70 -4.11
CA THR A 79 5.39 8.25 -2.73
C THR A 79 6.22 9.22 -1.88
N THR A 80 5.87 9.26 -0.59
CA THR A 80 6.52 10.08 0.43
C THR A 80 7.13 9.22 1.52
N ASP A 81 7.13 7.91 1.34
CA ASP A 81 7.76 7.01 2.29
C ASP A 81 9.23 7.35 2.41
N PRO A 82 9.74 7.72 3.59
CA PRO A 82 11.14 8.13 3.68
C PRO A 82 12.11 7.01 3.35
N SER A 83 11.72 5.74 3.45
CA SER A 83 12.65 4.64 3.17
C SER A 83 12.53 4.08 1.77
N PHE A 84 11.58 4.58 0.96
CA PHE A 84 11.35 4.00 -0.36
C PHE A 84 12.63 3.92 -1.17
N LEU A 85 13.36 5.04 -1.25
CA LEU A 85 14.45 5.11 -2.21
C LEU A 85 15.60 4.21 -1.78
N GLY A 86 15.86 4.12 -0.48
CA GLY A 86 16.83 3.14 -0.02
C GLY A 86 16.40 1.71 -0.31
N ARG A 87 15.13 1.40 -0.04
CA ARG A 87 14.65 0.04 -0.28
C ARG A 87 14.72 -0.31 -1.77
N TYR A 88 14.38 0.65 -2.64
CA TYR A 88 14.51 0.43 -4.08
C TYR A 88 15.97 0.13 -4.47
N MET A 89 16.94 0.90 -3.93
CA MET A 89 18.34 0.67 -4.30
C MET A 89 18.85 -0.67 -3.77
N SER A 90 18.38 -1.08 -2.58
CA SER A 90 18.77 -2.38 -2.05
C SER A 90 18.28 -3.50 -2.96
N ALA A 91 17.00 -3.43 -3.35
CA ALA A 91 16.44 -4.43 -4.25
C ALA A 91 17.15 -4.39 -5.60
N LEU A 92 17.37 -3.20 -6.15
CA LEU A 92 17.98 -3.09 -7.47
C LEU A 92 19.33 -3.76 -7.50
N ASN A 93 20.07 -3.71 -6.38
CA ASN A 93 21.40 -4.31 -6.37
C ASN A 93 21.34 -5.82 -6.56
N HIS A 94 20.21 -6.45 -6.26
CA HIS A 94 20.00 -7.87 -6.50
C HIS A 94 19.35 -8.12 -7.87
N THR A 95 18.25 -7.43 -8.17
CA THR A 95 17.54 -7.69 -9.41
C THR A 95 18.36 -7.35 -10.64
N LYS A 96 19.33 -6.43 -10.54
CA LYS A 96 20.16 -6.18 -11.70
C LYS A 96 21.01 -7.39 -12.04
N LYS A 97 21.14 -8.33 -11.10
CA LYS A 97 21.91 -9.55 -11.32
C LYS A 97 21.06 -10.71 -11.81
N TRP A 98 19.74 -10.65 -11.63
CA TRP A 98 18.84 -11.66 -12.15
C TRP A 98 18.91 -11.70 -13.69
N LYS A 99 18.35 -12.78 -14.23
CA LYS A 99 18.25 -12.98 -15.68
C LYS A 99 16.79 -12.89 -16.12
N TYR A 100 16.56 -12.28 -17.28
CA TYR A 100 15.20 -11.99 -17.77
C TYR A 100 14.98 -12.57 -19.15
N PRO A 101 14.75 -13.88 -19.24
CA PRO A 101 14.62 -14.51 -20.56
C PRO A 101 13.26 -14.24 -21.17
N GLN A 102 13.24 -14.25 -22.51
CA GLN A 102 11.99 -14.23 -23.24
C GLN A 102 11.43 -15.65 -23.26
N VAL A 103 10.27 -15.86 -22.65
CA VAL A 103 9.61 -17.15 -22.65
C VAL A 103 8.28 -17.00 -23.37
N ASN A 104 8.15 -17.69 -24.50
CA ASN A 104 6.95 -17.64 -25.35
C ASN A 104 6.54 -16.20 -25.62
N GLY A 105 7.53 -15.37 -25.92
CA GLY A 105 7.26 -14.01 -26.31
C GLY A 105 7.08 -13.04 -25.18
N LEU A 106 7.25 -13.47 -23.93
CA LEU A 106 7.07 -12.63 -22.76
C LEU A 106 8.37 -12.52 -21.97
N THR A 107 8.54 -11.40 -21.28
CA THR A 107 9.66 -11.26 -20.36
C THR A 107 9.35 -12.02 -19.08
N SER A 108 10.19 -12.99 -18.74
CA SER A 108 10.11 -13.72 -17.49
C SER A 108 11.32 -13.40 -16.61
N ILE A 109 11.49 -14.18 -15.53
CA ILE A 109 12.65 -14.08 -14.66
C ILE A 109 13.12 -15.50 -14.32
N LYS A 110 14.41 -15.78 -14.57
CA LYS A 110 15.02 -17.01 -14.07
C LYS A 110 14.97 -17.04 -12.55
N TRP A 111 14.58 -18.18 -11.99
CA TRP A 111 14.38 -18.25 -10.55
C TRP A 111 15.63 -17.84 -9.78
N ALA A 112 15.44 -16.96 -8.81
CA ALA A 112 16.44 -16.64 -7.81
C ALA A 112 15.70 -16.07 -6.60
N ASP A 113 16.31 -16.19 -5.43
CA ASP A 113 15.92 -15.35 -4.28
C ASP A 113 14.41 -15.43 -4.01
N ASN A 114 13.84 -16.62 -4.15
CA ASN A 114 12.41 -16.83 -3.95
C ASN A 114 11.54 -15.84 -4.75
N ASN A 115 11.87 -15.64 -6.03
CA ASN A 115 11.21 -14.59 -6.82
C ASN A 115 10.08 -15.12 -7.72
N SER A 116 9.55 -16.31 -7.47
CA SER A 116 8.59 -16.84 -8.44
C SER A 116 7.31 -16.01 -8.47
N TYR A 117 6.92 -15.39 -7.35
CA TYR A 117 5.73 -14.56 -7.36
C TYR A 117 5.94 -13.33 -8.21
N LEU A 118 7.17 -12.82 -8.30
CA LEU A 118 7.45 -11.71 -9.18
C LEU A 118 7.40 -12.14 -10.64
N ALA A 119 8.05 -13.25 -10.97
CA ALA A 119 7.92 -13.80 -12.33
C ALA A 119 6.47 -13.87 -12.76
N THR A 120 5.62 -14.52 -11.95
CA THR A 120 4.21 -14.68 -12.32
C THR A 120 3.51 -13.33 -12.45
N ALA A 121 3.79 -12.40 -11.53
CA ALA A 121 3.20 -11.07 -11.62
C ALA A 121 3.62 -10.38 -12.92
N LEU A 122 4.90 -10.47 -13.25
CA LEU A 122 5.42 -9.82 -14.45
C LEU A 122 4.80 -10.42 -15.71
N LEU A 123 4.67 -11.75 -15.74
CA LEU A 123 4.07 -12.41 -16.89
C LEU A 123 2.60 -12.06 -17.03
N THR A 124 1.87 -11.97 -15.91
CA THR A 124 0.47 -11.56 -15.96
C THR A 124 0.32 -10.16 -16.55
N LEU A 125 1.12 -9.20 -16.06
CA LEU A 125 1.02 -7.80 -16.53
C LEU A 125 1.11 -7.73 -18.04
N GLN A 126 2.01 -8.50 -18.63
CA GLN A 126 2.16 -8.42 -20.07
C GLN A 126 0.99 -9.02 -20.84
N GLN A 127 -0.04 -9.52 -20.17
CA GLN A 127 -1.18 -10.11 -20.84
C GLN A 127 -2.50 -9.40 -20.52
N ILE A 128 -2.46 -8.34 -19.72
CA ILE A 128 -3.65 -7.56 -19.41
C ILE A 128 -3.37 -6.13 -19.84
N GLU A 129 -4.44 -5.34 -19.97
CA GLU A 129 -4.31 -3.97 -20.43
C GLU A 129 -4.27 -3.05 -19.20
N LEU A 130 -3.13 -2.40 -19.00
CA LEU A 130 -2.91 -1.65 -17.77
C LEU A 130 -1.91 -0.53 -18.04
N LYS A 131 -2.22 0.66 -17.55
CA LYS A 131 -1.31 1.81 -17.63
C LYS A 131 -1.02 2.29 -16.22
N PHE A 132 0.25 2.32 -15.87
CA PHE A 132 0.64 2.80 -14.55
C PHE A 132 0.61 4.33 -14.53
N ASN A 133 0.34 4.90 -13.36
CA ASN A 133 0.35 6.34 -13.20
C ASN A 133 1.74 6.88 -12.86
N PRO A 134 2.48 6.34 -11.89
CA PRO A 134 3.80 6.88 -11.57
C PRO A 134 4.75 6.74 -12.74
N PRO A 135 5.39 7.84 -13.17
CA PRO A 135 6.35 7.75 -14.29
C PRO A 135 7.42 6.70 -14.07
N ALA A 136 7.88 6.54 -12.82
CA ALA A 136 8.82 5.48 -12.49
C ALA A 136 8.31 4.12 -12.99
N LEU A 137 7.04 3.82 -12.71
CA LEU A 137 6.50 2.53 -13.14
C LEU A 137 6.33 2.50 -14.66
N GLN A 138 5.90 3.60 -15.28
CA GLN A 138 5.77 3.57 -16.73
C GLN A 138 7.12 3.30 -17.40
N ASP A 139 8.15 4.08 -17.03
CA ASP A 139 9.47 3.91 -17.63
C ASP A 139 10.01 2.50 -17.38
N ALA A 140 9.87 1.99 -16.16
CA ALA A 140 10.46 0.70 -15.82
C ALA A 140 9.69 -0.44 -16.47
N TYR A 141 8.37 -0.31 -16.56
CA TYR A 141 7.56 -1.34 -17.19
C TYR A 141 7.81 -1.40 -18.69
N TYR A 142 7.90 -0.25 -19.36
CA TYR A 142 8.23 -0.24 -20.78
C TYR A 142 9.56 -0.94 -21.03
N ARG A 143 10.51 -0.75 -20.12
CA ARG A 143 11.83 -1.32 -20.27
C ARG A 143 11.81 -2.82 -19.97
N ALA A 144 10.97 -3.25 -19.03
CA ALA A 144 10.79 -4.67 -18.74
C ALA A 144 10.21 -5.40 -19.93
N ARG A 145 9.13 -4.85 -20.51
CA ARG A 145 8.55 -5.42 -21.72
C ARG A 145 9.61 -5.74 -22.76
N ALA A 146 10.61 -4.87 -22.90
CA ALA A 146 11.66 -5.09 -23.88
C ALA A 146 12.76 -6.01 -23.40
N GLY A 147 12.78 -6.42 -22.14
CA GLY A 147 13.80 -7.34 -21.71
C GLY A 147 14.57 -6.99 -20.44
N GLU A 148 14.62 -5.70 -20.09
CA GLU A 148 15.42 -5.26 -18.95
C GLU A 148 14.45 -4.91 -17.82
N ALA A 149 14.11 -5.92 -17.03
CA ALA A 149 13.09 -5.78 -15.99
C ALA A 149 13.69 -5.51 -14.62
N ALA A 150 15.01 -5.37 -14.53
CA ALA A 150 15.67 -5.22 -13.23
C ALA A 150 15.07 -4.06 -12.44
N ASN A 151 14.87 -2.90 -13.09
CA ASN A 151 14.30 -1.75 -12.39
C ASN A 151 12.84 -1.96 -12.07
N PHE A 152 12.07 -2.52 -13.00
CA PHE A 152 10.68 -2.85 -12.71
C PHE A 152 10.55 -3.75 -11.49
N CYS A 153 11.37 -4.81 -11.41
CA CYS A 153 11.21 -5.73 -10.28
C CYS A 153 11.62 -5.09 -8.97
N ALA A 154 12.72 -4.33 -8.96
CA ALA A 154 13.09 -3.57 -7.77
C ALA A 154 11.98 -2.59 -7.37
N LEU A 155 11.34 -1.94 -8.34
CA LEU A 155 10.26 -1.03 -7.97
C LEU A 155 9.09 -1.80 -7.37
N ILE A 156 8.68 -2.93 -7.99
CA ILE A 156 7.62 -3.75 -7.43
C ILE A 156 7.95 -4.10 -5.99
N LEU A 157 9.12 -4.71 -5.77
CA LEU A 157 9.57 -4.96 -4.42
C LEU A 157 9.40 -3.73 -3.53
N ALA A 158 9.87 -2.56 -3.99
CA ALA A 158 9.85 -1.37 -3.13
C ALA A 158 8.43 -0.89 -2.86
N TYR A 159 7.58 -0.85 -3.89
CA TYR A 159 6.19 -0.46 -3.67
C TYR A 159 5.45 -1.45 -2.76
N CYS A 160 5.75 -2.75 -2.87
CA CYS A 160 5.06 -3.75 -2.07
C CYS A 160 5.68 -3.95 -0.69
N ASN A 161 6.77 -3.25 -0.39
CA ASN A 161 7.43 -3.36 0.91
CA ASN A 161 7.48 -3.35 0.89
C ASN A 161 7.83 -4.80 1.22
N LYS A 162 8.24 -5.54 0.20
CA LYS A 162 8.87 -6.83 0.35
C LYS A 162 10.34 -6.64 0.00
N THR A 163 11.25 -7.22 0.78
CA THR A 163 12.66 -7.25 0.39
C THR A 163 12.98 -8.50 -0.41
N VAL A 164 14.11 -8.44 -1.13
CA VAL A 164 14.56 -9.58 -1.92
C VAL A 164 14.66 -10.81 -1.03
N GLY A 165 14.01 -11.89 -1.44
CA GLY A 165 14.04 -13.15 -0.74
C GLY A 165 12.82 -13.40 0.12
N GLU A 166 12.09 -12.34 0.46
CA GLU A 166 10.92 -12.47 1.31
C GLU A 166 9.77 -13.15 0.57
N LEU A 167 8.93 -13.88 1.32
CA LEU A 167 7.71 -14.45 0.74
C LEU A 167 6.82 -13.40 0.14
N GLY A 168 6.35 -13.66 -1.08
CA GLY A 168 5.41 -12.80 -1.76
C GLY A 168 4.11 -13.51 -2.06
N ASP A 169 3.03 -12.74 -2.07
CA ASP A 169 1.74 -13.14 -2.61
C ASP A 169 1.54 -12.44 -3.95
N VAL A 170 1.05 -13.18 -4.95
CA VAL A 170 0.80 -12.58 -6.25
C VAL A 170 -0.39 -11.63 -6.19
N ARG A 171 -1.47 -12.05 -5.53
CA ARG A 171 -2.66 -11.21 -5.44
C ARG A 171 -2.37 -9.90 -4.71
N GLU A 172 -1.65 -9.97 -3.59
CA GLU A 172 -1.31 -8.75 -2.85
C GLU A 172 -0.40 -7.84 -3.66
N THR A 173 0.56 -8.42 -4.39
CA THR A 173 1.40 -7.61 -5.27
C THR A 173 0.58 -6.97 -6.38
N MET A 174 -0.28 -7.74 -7.03
CA MET A 174 -1.15 -7.20 -8.07
C MET A 174 -1.98 -6.05 -7.50
N SER A 175 -2.38 -6.17 -6.24
CA SER A 175 -3.18 -5.13 -5.62
C SER A 175 -2.41 -3.82 -5.52
N TYR A 176 -1.17 -3.88 -5.04
CA TYR A 176 -0.32 -2.70 -4.99
C TYR A 176 -0.18 -2.09 -6.38
N LEU A 177 0.13 -2.93 -7.38
CA LEU A 177 0.36 -2.38 -8.71
C LEU A 177 -0.91 -1.75 -9.25
N PHE A 178 -2.07 -2.36 -8.96
CA PHE A 178 -3.33 -1.81 -9.42
C PHE A 178 -3.63 -0.47 -8.75
N GLN A 179 -3.21 -0.28 -7.49
CA GLN A 179 -3.35 1.02 -6.85
C GLN A 179 -2.63 2.10 -7.64
N HIS A 180 -1.54 1.73 -8.31
CA HIS A 180 -0.72 2.70 -9.03
C HIS A 180 -0.99 2.68 -10.52
N ALA A 181 -2.21 2.30 -10.90
CA ALA A 181 -2.57 2.19 -12.28
C ALA A 181 -3.89 2.89 -12.48
N ASN A 182 -4.14 3.37 -13.69
CA ASN A 182 -5.40 4.02 -14.01
C ASN A 182 -6.47 2.97 -14.22
N LEU A 183 -7.33 2.81 -13.22
CA LEU A 183 -8.47 1.92 -13.36
C LEU A 183 -9.74 2.67 -13.04
N ASP A 184 -9.72 3.99 -13.23
CA ASP A 184 -10.86 4.81 -12.85
C ASP A 184 -12.07 4.53 -13.73
N SER A 185 -11.88 4.10 -14.99
CA SER A 185 -12.98 3.64 -15.87
C SER A 185 -13.52 2.27 -15.49
N CYS A 186 -13.18 1.63 -14.37
CA CYS A 186 -13.67 0.30 -14.08
C CYS A 186 -14.86 0.38 -13.13
N LYS A 187 -15.86 -0.47 -13.37
CA LYS A 187 -17.06 -0.44 -12.56
C LYS A 187 -17.62 -1.86 -12.44
N ARG A 188 -18.18 -2.16 -11.27
CA ARG A 188 -18.78 -3.47 -11.03
C ARG A 188 -20.04 -3.28 -10.20
N VAL A 189 -21.12 -3.97 -10.59
CA VAL A 189 -22.39 -3.95 -9.88
C VAL A 189 -22.67 -5.37 -9.41
N LEU A 190 -22.89 -5.54 -8.10
CA LEU A 190 -23.25 -6.81 -7.50
C LEU A 190 -24.63 -6.69 -6.85
N ASN A 191 -25.32 -7.84 -6.74
CA ASN A 191 -26.56 -7.91 -5.99
C ASN A 191 -26.49 -9.13 -5.07
N VAL A 192 -27.14 -9.04 -3.91
CA VAL A 192 -27.04 -10.06 -2.88
C VAL A 192 -28.44 -10.38 -2.38
N VAL A 193 -28.83 -11.66 -2.45
CA VAL A 193 -30.20 -12.09 -2.20
C VAL A 193 -30.22 -13.00 -0.95
N CYS A 194 -31.07 -12.66 0.02
CA CYS A 194 -31.22 -13.42 1.26
C CYS A 194 -32.69 -13.71 1.47
N LYS A 195 -32.99 -14.96 1.81
CA LYS A 195 -34.37 -15.39 1.97
C LYS A 195 -35.10 -14.56 3.03
N THR A 196 -34.42 -14.26 4.14
CA THR A 196 -35.04 -13.46 5.20
C THR A 196 -34.89 -11.97 4.93
N CYS A 197 -33.73 -11.55 4.42
CA CYS A 197 -33.38 -10.13 4.43
C CYS A 197 -33.68 -9.42 3.11
N GLY A 198 -33.71 -10.14 1.99
CA GLY A 198 -34.07 -9.56 0.72
C GLY A 198 -32.88 -9.29 -0.18
N GLN A 199 -33.12 -8.40 -1.15
CA GLN A 199 -32.12 -8.04 -2.15
C GLN A 199 -31.30 -6.84 -1.69
N GLN A 200 -30.12 -6.69 -2.30
CA GLN A 200 -29.24 -5.56 -2.00
C GLN A 200 -28.17 -5.40 -3.07
N GLN A 201 -28.09 -4.22 -3.67
CA GLN A 201 -27.13 -3.96 -4.74
C GLN A 201 -25.97 -3.14 -4.20
N THR A 202 -24.79 -3.35 -4.79
CA THR A 202 -23.59 -2.65 -4.42
C THR A 202 -22.81 -2.33 -5.67
N THR A 203 -22.21 -1.15 -5.71
CA THR A 203 -21.42 -0.71 -6.85
C THR A 203 -19.98 -0.50 -6.39
N LEU A 204 -19.04 -1.07 -7.12
CA LEU A 204 -17.62 -1.01 -6.79
C LEU A 204 -16.91 -0.31 -7.93
N LYS A 205 -15.91 0.51 -7.60
CA LYS A 205 -15.21 1.30 -8.59
C LYS A 205 -13.70 1.13 -8.44
N GLY A 206 -13.00 1.46 -9.51
CA GLY A 206 -11.55 1.38 -9.51
C GLY A 206 -11.09 -0.04 -9.29
N VAL A 207 -10.15 -0.19 -8.36
CA VAL A 207 -9.45 -1.46 -8.17
C VAL A 207 -10.38 -2.57 -7.70
N GLU A 208 -11.38 -2.22 -6.88
CA GLU A 208 -12.20 -3.13 -6.12
C GLU A 208 -13.05 -3.99 -7.01
N ALA A 209 -13.28 -3.39 -8.11
CA ALA A 209 -14.16 -3.70 -9.16
C ALA A 209 -13.51 -4.64 -10.17
N VAL A 210 -12.19 -4.85 -10.09
CA VAL A 210 -11.55 -5.85 -10.94
C VAL A 210 -10.99 -7.01 -10.15
N MET A 211 -11.09 -6.99 -8.83
CA MET A 211 -10.61 -8.09 -8.00
C MET A 211 -11.75 -8.64 -7.17
N TYR A 212 -11.86 -9.97 -7.14
CA TYR A 212 -12.79 -10.64 -6.25
C TYR A 212 -12.06 -11.78 -5.56
N MET A 213 -12.37 -11.98 -4.29
CA MET A 213 -11.78 -13.02 -3.46
C MET A 213 -12.86 -14.02 -3.06
N GLY A 214 -12.78 -15.24 -3.55
CA GLY A 214 -13.68 -16.25 -3.06
C GLY A 214 -13.95 -17.36 -4.05
N THR A 215 -13.87 -17.04 -5.34
CA THR A 215 -14.06 -18.02 -6.39
C THR A 215 -13.10 -17.72 -7.53
N LEU A 216 -12.63 -18.80 -8.15
CA LEU A 216 -11.75 -18.70 -9.31
C LEU A 216 -12.53 -18.57 -10.61
N SER A 217 -13.81 -18.91 -10.60
CA SER A 217 -14.58 -19.04 -11.83
C SER A 217 -15.34 -17.75 -12.07
N TYR A 218 -15.10 -17.14 -13.23
CA TYR A 218 -15.88 -15.98 -13.61
C TYR A 218 -17.30 -16.39 -13.97
N GLU A 219 -17.46 -17.56 -14.61
CA GLU A 219 -18.80 -18.12 -14.84
C GLU A 219 -19.57 -18.25 -13.54
N GLN A 220 -18.95 -18.90 -12.55
CA GLN A 220 -19.62 -19.05 -11.25
C GLN A 220 -19.97 -17.71 -10.64
N PHE A 221 -19.10 -16.71 -10.78
CA PHE A 221 -19.38 -15.37 -10.28
C PHE A 221 -20.59 -14.77 -10.99
N LYS A 222 -20.70 -14.93 -12.30
CA LYS A 222 -21.88 -14.44 -13.00
C LYS A 222 -23.15 -15.17 -12.55
N LYS A 223 -23.04 -16.48 -12.26
CA LYS A 223 -24.21 -17.28 -11.92
C LYS A 223 -24.65 -17.10 -10.46
N GLY A 224 -23.72 -16.89 -9.56
CA GLY A 224 -24.02 -16.67 -8.14
C GLY A 224 -23.00 -17.43 -7.31
N VAL A 225 -22.72 -16.90 -6.11
CA VAL A 225 -21.81 -17.57 -5.19
C VAL A 225 -22.42 -17.40 -3.80
N GLN A 226 -22.19 -18.36 -2.91
CA GLN A 226 -22.88 -18.37 -1.63
C GLN A 226 -21.99 -17.77 -0.55
N ILE A 227 -22.57 -16.89 0.27
CA ILE A 227 -21.85 -16.13 1.29
C ILE A 227 -22.70 -15.97 2.50
N PRO A 228 -22.11 -15.72 3.67
CA PRO A 228 -22.87 -15.49 4.90
C PRO A 228 -23.49 -14.10 4.95
N CYS A 229 -24.67 -14.03 5.55
CA CYS A 229 -25.40 -12.79 5.77
C CYS A 229 -25.43 -12.45 7.25
N THR A 230 -25.75 -11.18 7.56
CA THR A 230 -25.80 -10.75 8.96
C THR A 230 -26.80 -11.56 9.79
N CYS A 231 -27.87 -12.06 9.17
CA CYS A 231 -28.90 -12.76 9.94
C CYS A 231 -28.42 -14.11 10.45
N GLY A 232 -27.46 -14.72 9.75
CA GLY A 232 -27.01 -16.07 10.03
C GLY A 232 -27.16 -17.04 8.88
N LYS A 233 -27.95 -16.69 7.85
CA LYS A 233 -28.21 -17.56 6.71
C LYS A 233 -27.17 -17.37 5.61
N GLN A 234 -27.26 -18.20 4.55
CA GLN A 234 -26.43 -18.01 3.37
CA GLN A 234 -26.43 -18.03 3.36
C GLN A 234 -27.19 -17.19 2.34
N ALA A 235 -26.57 -16.10 1.89
CA ALA A 235 -27.08 -15.28 0.81
C ALA A 235 -26.29 -15.58 -0.47
N THR A 236 -26.81 -15.13 -1.60
CA THR A 236 -26.17 -15.34 -2.89
C THR A 236 -25.70 -14.00 -3.45
N LYS A 237 -24.48 -14.00 -4.01
CA LYS A 237 -23.90 -12.82 -4.65
C LYS A 237 -23.63 -13.15 -6.11
N TYR A 238 -24.18 -12.33 -7.03
CA TYR A 238 -23.88 -12.50 -8.45
C TYR A 238 -23.55 -11.15 -9.09
N LEU A 239 -22.84 -11.23 -10.22
CA LEU A 239 -22.41 -10.06 -10.96
C LEU A 239 -23.57 -9.47 -11.75
N VAL A 240 -23.88 -8.20 -11.50
CA VAL A 240 -24.95 -7.52 -12.22
C VAL A 240 -24.39 -6.88 -13.48
N GLN A 241 -23.36 -6.02 -13.34
CA GLN A 241 -22.72 -5.43 -14.52
C GLN A 241 -21.21 -5.31 -14.28
N GLN A 242 -20.43 -5.43 -15.35
CA GLN A 242 -18.98 -5.30 -15.28
C GLN A 242 -18.44 -4.42 -16.40
N GLU A 243 -17.59 -3.46 -16.05
CA GLU A 243 -16.94 -2.57 -17.02
C GLU A 243 -15.44 -2.50 -16.71
N SER A 244 -14.66 -3.34 -17.39
CA SER A 244 -13.21 -3.33 -17.21
C SER A 244 -12.56 -4.14 -18.33
N PRO A 245 -11.30 -3.88 -18.66
CA PRO A 245 -10.61 -4.68 -19.69
C PRO A 245 -10.18 -6.06 -19.23
N PHE A 246 -10.32 -6.36 -17.95
CA PHE A 246 -9.93 -7.66 -17.42
C PHE A 246 -10.58 -7.78 -16.05
N VAL A 247 -10.60 -8.98 -15.52
CA VAL A 247 -11.01 -9.21 -14.15
C VAL A 247 -10.08 -10.26 -13.57
N MET A 248 -9.81 -10.12 -12.28
CA MET A 248 -8.98 -11.05 -11.53
C MET A 248 -9.87 -11.74 -10.51
N MET A 249 -9.96 -13.07 -10.62
CA MET A 249 -10.65 -13.88 -9.64
C MET A 249 -9.62 -14.62 -8.80
N SER A 250 -9.79 -14.59 -7.48
CA SER A 250 -8.82 -15.19 -6.58
C SER A 250 -9.53 -16.01 -5.50
N ALA A 251 -8.79 -16.94 -4.93
CA ALA A 251 -9.29 -17.79 -3.85
C ALA A 251 -8.11 -18.50 -3.24
N PRO A 252 -8.23 -18.96 -1.99
CA PRO A 252 -7.15 -19.76 -1.41
C PRO A 252 -6.84 -20.95 -2.30
N PRO A 253 -5.58 -21.32 -2.47
CA PRO A 253 -5.25 -22.31 -3.48
C PRO A 253 -6.03 -23.60 -3.29
N ALA A 254 -6.45 -24.17 -4.42
CA ALA A 254 -7.33 -25.31 -4.41
C ALA A 254 -7.18 -26.02 -5.75
N GLN A 255 -7.43 -27.33 -5.75
CA GLN A 255 -7.34 -28.06 -7.00
C GLN A 255 -8.38 -27.53 -7.98
N TYR A 256 -7.92 -27.10 -9.16
CA TYR A 256 -8.79 -26.46 -10.14
C TYR A 256 -8.34 -26.83 -11.54
N GLU A 257 -9.31 -27.07 -12.43
CA GLU A 257 -9.03 -27.40 -13.82
C GLU A 257 -9.06 -26.15 -14.68
N LEU A 258 -7.96 -25.86 -15.37
CA LEU A 258 -7.90 -24.76 -16.31
C LEU A 258 -8.20 -25.30 -17.71
N LYS A 259 -9.29 -24.84 -18.31
CA LYS A 259 -9.70 -25.29 -19.63
C LYS A 259 -9.22 -24.29 -20.67
N HIS A 260 -8.50 -24.79 -21.68
CA HIS A 260 -7.97 -23.97 -22.76
C HIS A 260 -9.05 -23.07 -23.34
N GLY A 261 -8.71 -21.79 -23.51
CA GLY A 261 -9.59 -20.83 -24.15
C GLY A 261 -10.73 -20.30 -23.30
N THR A 262 -10.78 -20.62 -22.02
CA THR A 262 -11.83 -20.12 -21.13
C THR A 262 -11.35 -19.05 -20.16
N PHE A 263 -10.07 -18.67 -20.23
CA PHE A 263 -9.43 -17.73 -19.32
C PHE A 263 -8.20 -17.17 -20.01
N THR A 264 -7.64 -16.10 -19.44
CA THR A 264 -6.43 -15.51 -20.02
C THR A 264 -5.16 -16.14 -19.44
N CYS A 265 -4.98 -16.08 -18.13
CA CYS A 265 -3.81 -16.70 -17.48
C CYS A 265 -4.12 -16.86 -16.00
N ALA A 266 -3.26 -17.60 -15.31
CA ALA A 266 -3.54 -17.97 -13.93
C ALA A 266 -2.25 -18.10 -13.14
N SER A 267 -2.39 -18.05 -11.81
CA SER A 267 -1.30 -18.33 -10.88
C SER A 267 -1.57 -19.64 -10.15
N GLU A 268 -0.54 -20.48 -10.06
CA GLU A 268 -0.60 -21.74 -9.35
C GLU A 268 0.36 -21.68 -8.18
N TYR A 269 -0.11 -22.04 -6.99
CA TYR A 269 0.72 -21.99 -5.79
C TYR A 269 0.74 -23.36 -5.12
N THR A 270 1.94 -23.88 -4.92
CA THR A 270 2.17 -25.15 -4.26
C THR A 270 2.97 -24.90 -2.99
N GLY A 271 2.39 -25.22 -1.85
CA GLY A 271 3.09 -25.12 -0.57
C GLY A 271 2.10 -24.80 0.55
N ASN A 272 2.57 -24.01 1.51
CA ASN A 272 1.75 -23.54 2.62
C ASN A 272 1.98 -22.05 2.82
N TYR A 273 1.59 -21.54 3.99
CA TYR A 273 1.79 -20.11 4.29
C TYR A 273 3.25 -19.81 4.57
N GLN A 274 4.01 -20.80 5.06
CA GLN A 274 5.43 -20.61 5.33
C GLN A 274 6.23 -20.57 4.04
N SER A 275 5.98 -21.51 3.14
CA SER A 275 6.89 -21.79 2.04
C SER A 275 6.09 -22.30 0.84
N GLY A 276 6.49 -21.86 -0.35
CA GLY A 276 5.78 -22.30 -1.54
C GLY A 276 6.46 -21.83 -2.81
N HIS A 277 5.79 -22.05 -3.92
CA HIS A 277 6.30 -21.73 -5.24
C HIS A 277 5.14 -21.40 -6.16
N TYR A 278 5.33 -20.38 -6.99
CA TYR A 278 4.33 -20.02 -7.97
C TYR A 278 4.78 -20.50 -9.33
N LYS A 279 3.82 -20.98 -10.11
CA LYS A 279 3.98 -21.20 -11.53
C LYS A 279 2.91 -20.38 -12.22
N HIS A 280 3.13 -20.11 -13.51
CA HIS A 280 2.24 -19.32 -14.33
C HIS A 280 1.70 -20.17 -15.47
N ILE A 281 0.39 -20.09 -15.72
CA ILE A 281 -0.23 -20.81 -16.81
C ILE A 281 -0.90 -19.80 -17.72
N THR A 282 -0.53 -19.82 -19.00
CA THR A 282 -1.12 -18.92 -19.97
C THR A 282 -1.80 -19.75 -21.06
N SER A 283 -2.96 -19.28 -21.52
CA SER A 283 -3.77 -19.97 -22.51
C SER A 283 -3.61 -19.26 -23.83
N LYS A 284 -2.94 -19.92 -24.77
CA LYS A 284 -2.71 -19.34 -26.09
C LYS A 284 -3.21 -20.35 -27.10
N GLU A 285 -2.37 -20.76 -28.05
CA GLU A 285 -2.74 -21.83 -28.97
C GLU A 285 -2.90 -23.15 -28.22
N THR A 286 -2.27 -23.29 -27.06
CA THR A 286 -2.45 -24.38 -26.11
C THR A 286 -2.17 -23.81 -24.73
N LEU A 287 -2.09 -24.66 -23.71
CA LEU A 287 -1.76 -24.19 -22.36
C LEU A 287 -0.28 -24.33 -22.12
N TYR A 288 0.41 -23.21 -21.90
CA TYR A 288 1.81 -23.20 -21.50
C TYR A 288 1.94 -22.94 -20.01
N CYS A 289 2.80 -23.71 -19.36
CA CYS A 289 3.17 -23.47 -17.98
C CYS A 289 4.57 -22.84 -17.96
N ILE A 290 4.63 -21.58 -17.53
CA ILE A 290 5.91 -20.87 -17.40
C ILE A 290 6.29 -20.82 -15.92
N ASP A 291 7.43 -21.43 -15.61
CA ASP A 291 7.98 -21.51 -14.26
C ASP A 291 9.33 -20.81 -14.28
N GLY A 292 9.30 -19.48 -14.34
CA GLY A 292 10.52 -18.70 -14.47
C GLY A 292 11.14 -18.82 -15.85
N ALA A 293 12.31 -19.45 -15.94
CA ALA A 293 12.93 -19.75 -17.23
C ALA A 293 12.36 -21.00 -17.91
N LEU A 294 11.61 -21.83 -17.19
CA LEU A 294 11.13 -23.11 -17.68
C LEU A 294 9.79 -22.99 -18.39
N LEU A 295 9.60 -23.83 -19.41
CA LEU A 295 8.38 -23.82 -20.21
C LEU A 295 7.94 -25.26 -20.50
N THR A 296 6.69 -25.57 -20.19
CA THR A 296 6.10 -26.83 -20.63
C THR A 296 4.74 -26.51 -21.21
N LYS A 297 4.18 -27.46 -21.95
CA LYS A 297 2.86 -27.28 -22.53
C LYS A 297 2.03 -28.52 -22.28
N SER A 298 0.73 -28.34 -22.46
CA SER A 298 -0.24 -29.41 -22.31
C SER A 298 -1.56 -28.91 -22.89
N SER A 299 -2.39 -29.86 -23.31
CA SER A 299 -3.74 -29.50 -23.74
C SER A 299 -4.70 -29.32 -22.58
N GLU A 300 -4.39 -29.88 -21.42
CA GLU A 300 -5.23 -29.66 -20.23
C GLU A 300 -4.40 -29.45 -18.96
N TYR A 301 -4.98 -28.85 -17.93
CA TYR A 301 -4.26 -28.51 -16.72
C TYR A 301 -5.15 -28.71 -15.49
N LYS A 302 -4.62 -29.35 -14.46
CA LYS A 302 -5.26 -29.42 -13.15
C LYS A 302 -4.17 -29.12 -12.15
N GLY A 303 -4.45 -28.24 -11.20
CA GLY A 303 -3.45 -27.82 -10.24
C GLY A 303 -4.02 -26.97 -9.13
N PRO A 304 -3.18 -26.63 -8.16
CA PRO A 304 -3.63 -25.75 -7.07
C PRO A 304 -3.61 -24.29 -7.52
N ILE A 305 -4.70 -23.86 -8.11
CA ILE A 305 -4.79 -22.54 -8.72
C ILE A 305 -5.28 -21.54 -7.67
N THR A 306 -4.71 -20.33 -7.69
CA THR A 306 -5.08 -19.31 -6.72
C THR A 306 -5.53 -17.97 -7.34
N ASP A 307 -5.11 -17.63 -8.57
CA ASP A 307 -5.58 -16.44 -9.26
C ASP A 307 -5.84 -16.83 -10.70
N VAL A 308 -6.98 -16.41 -11.24
CA VAL A 308 -7.27 -16.58 -12.66
C VAL A 308 -7.62 -15.22 -13.24
N PHE A 309 -7.05 -14.91 -14.39
CA PHE A 309 -7.29 -13.66 -15.08
C PHE A 309 -8.11 -13.92 -16.32
N TYR A 310 -9.19 -13.16 -16.46
CA TYR A 310 -10.10 -13.25 -17.58
C TYR A 310 -10.13 -11.88 -18.24
N LYS A 311 -10.53 -11.84 -19.51
CA LYS A 311 -10.69 -10.53 -20.08
C LYS A 311 -12.15 -10.19 -20.29
N GLU A 312 -12.38 -8.90 -20.50
CA GLU A 312 -13.69 -8.30 -20.36
C GLU A 312 -13.65 -6.97 -21.09
N ASN A 313 -14.83 -6.49 -21.47
CA ASN A 313 -14.98 -5.07 -21.81
C ASN A 313 -16.20 -4.55 -21.09
N SER A 314 -17.38 -5.03 -21.47
CA SER A 314 -18.63 -4.67 -20.82
C SER A 314 -19.49 -5.92 -20.77
N TYR A 315 -20.06 -6.18 -19.59
CA TYR A 315 -20.94 -7.33 -19.38
C TYR A 315 -22.13 -6.90 -18.54
N THR A 316 -23.32 -7.33 -18.96
CA THR A 316 -24.54 -7.07 -18.22
C THR A 316 -25.27 -8.40 -18.05
N THR A 317 -25.89 -8.61 -16.89
CA THR A 317 -26.47 -9.90 -16.58
C THR A 317 -27.80 -10.09 -17.29
N THR A 318 -28.05 -11.32 -17.75
CA THR A 318 -29.39 -11.66 -18.24
C THR A 318 -30.33 -12.10 -17.12
N ILE A 319 -29.80 -12.45 -15.96
CA ILE A 319 -30.59 -12.78 -14.77
C ILE A 319 -31.64 -11.70 -14.52
N LYS A 320 -32.92 -12.09 -14.55
CA LYS A 320 -34.01 -11.25 -14.08
C LYS A 320 -34.09 -11.33 -12.56
N PRO A 321 -33.75 -10.26 -11.83
CA PRO A 321 -33.73 -10.21 -10.37
C PRO A 321 -35.01 -10.72 -9.72
N MET B 4 1.96 -38.88 34.56
CA MET B 4 2.90 -39.45 33.63
C MET B 4 2.00 -39.85 32.47
N ARG B 5 0.94 -40.57 32.86
CA ARG B 5 0.14 -41.40 31.95
C ARG B 5 -0.85 -40.54 31.16
N GLU B 6 -0.85 -40.75 29.83
CA GLU B 6 -1.58 -39.93 28.87
C GLU B 6 -1.10 -38.47 28.93
N VAL B 7 -1.61 -37.64 28.04
CA VAL B 7 -1.14 -36.27 27.96
C VAL B 7 -2.03 -35.34 28.78
N ARG B 8 -1.38 -34.37 29.43
CA ARG B 8 -2.07 -33.26 30.07
CA ARG B 8 -2.10 -33.28 30.07
C ARG B 8 -2.41 -32.22 29.02
N THR B 9 -3.62 -31.69 29.07
CA THR B 9 -4.08 -30.77 28.05
C THR B 9 -4.85 -29.64 28.68
N ILE B 10 -5.04 -28.57 27.90
CA ILE B 10 -5.95 -27.48 28.23
C ILE B 10 -6.68 -27.08 26.95
N LYS B 11 -7.86 -26.50 27.13
CA LYS B 11 -8.61 -25.92 26.03
C LYS B 11 -8.19 -24.46 25.87
N VAL B 12 -7.91 -24.06 24.63
CA VAL B 12 -7.72 -22.67 24.26
C VAL B 12 -8.44 -22.48 22.93
N PHE B 13 -8.55 -21.22 22.51
CA PHE B 13 -9.14 -20.86 21.23
C PHE B 13 -8.12 -20.14 20.38
N THR B 14 -8.01 -20.54 19.12
CA THR B 14 -7.24 -19.79 18.14
C THR B 14 -8.15 -18.85 17.36
N THR B 15 -7.54 -17.83 16.74
CA THR B 15 -8.29 -16.84 15.99
C THR B 15 -7.34 -16.14 15.03
N VAL B 16 -7.93 -15.54 14.00
CA VAL B 16 -7.21 -14.54 13.20
C VAL B 16 -7.84 -13.16 13.32
N ASP B 17 -9.12 -13.06 13.70
CA ASP B 17 -9.82 -11.77 13.74
C ASP B 17 -10.28 -11.38 15.14
N ASN B 18 -10.05 -12.23 16.15
CA ASN B 18 -10.41 -12.04 17.55
C ASN B 18 -11.92 -11.98 17.78
N ILE B 19 -12.68 -12.43 16.81
CA ILE B 19 -14.14 -12.58 16.91
C ILE B 19 -14.55 -14.02 16.73
N ASN B 20 -14.13 -14.64 15.63
CA ASN B 20 -14.40 -16.04 15.37
C ASN B 20 -13.37 -16.88 16.10
N LEU B 21 -13.83 -17.64 17.08
CA LEU B 21 -12.98 -18.49 17.90
C LEU B 21 -13.01 -19.93 17.36
N HIS B 22 -11.87 -20.60 17.49
CA HIS B 22 -11.72 -21.98 17.02
C HIS B 22 -11.18 -22.84 18.15
N THR B 23 -12.01 -23.76 18.63
CA THR B 23 -11.69 -24.53 19.83
C THR B 23 -10.48 -25.39 19.55
N GLN B 24 -9.54 -25.42 20.50
CA GLN B 24 -8.38 -26.29 20.37
C GLN B 24 -8.12 -26.98 21.70
N VAL B 25 -7.69 -28.24 21.64
CA VAL B 25 -7.11 -28.91 22.79
C VAL B 25 -5.61 -29.02 22.54
N VAL B 26 -4.79 -28.44 23.41
CA VAL B 26 -3.35 -28.43 23.21
C VAL B 26 -2.68 -29.32 24.23
N ASP B 27 -1.59 -29.94 23.82
CA ASP B 27 -0.79 -30.78 24.70
C ASP B 27 0.21 -29.89 25.42
N MET B 28 0.24 -29.99 26.75
CA MET B 28 1.05 -29.05 27.52
C MET B 28 2.54 -29.36 27.46
N SER B 29 2.92 -30.51 26.96
CA SER B 29 4.34 -30.88 26.87
C SER B 29 5.00 -30.33 25.62
N MET B 30 4.25 -29.68 24.75
CA MET B 30 4.66 -29.15 23.46
C MET B 30 4.43 -27.64 23.41
N THR B 31 5.28 -26.95 22.65
CA THR B 31 5.09 -25.51 22.53
C THR B 31 3.84 -25.22 21.70
N TYR B 32 3.41 -23.96 21.74
CA TYR B 32 2.37 -23.53 20.81
C TYR B 32 2.87 -23.62 19.39
N GLY B 33 4.13 -23.24 19.15
CA GLY B 33 4.67 -23.29 17.80
C GLY B 33 4.56 -24.68 17.20
N GLN B 34 4.82 -25.70 18.00
CA GLN B 34 4.78 -27.07 17.52
C GLN B 34 3.35 -27.50 17.18
N GLN B 35 2.36 -26.92 17.84
CA GLN B 35 0.99 -27.32 17.58
C GLN B 35 0.23 -26.34 16.68
N PHE B 36 0.61 -25.05 16.66
CA PHE B 36 -0.14 -24.08 15.88
C PHE B 36 0.67 -23.39 14.80
N GLY B 37 1.99 -23.53 14.78
CA GLY B 37 2.81 -22.57 14.09
C GLY B 37 2.89 -21.29 14.92
N PRO B 38 3.29 -20.17 14.30
CA PRO B 38 3.49 -18.94 15.08
C PRO B 38 2.23 -18.52 15.83
N THR B 39 2.35 -18.38 17.14
CA THR B 39 1.22 -18.08 18.01
C THR B 39 1.49 -16.86 18.85
N TYR B 40 0.45 -16.04 19.05
CA TYR B 40 0.56 -14.82 19.85
C TYR B 40 -0.58 -14.75 20.85
N LEU B 41 -0.26 -14.26 22.05
CA LEU B 41 -1.22 -13.94 23.10
C LEU B 41 -1.20 -12.44 23.35
N ASP B 42 -2.30 -11.76 23.01
CA ASP B 42 -2.42 -10.31 23.09
C ASP B 42 -1.15 -9.61 22.63
N GLY B 43 -0.67 -10.01 21.43
CA GLY B 43 0.50 -9.44 20.80
C GLY B 43 1.81 -10.11 21.14
N ALA B 44 1.90 -10.76 22.29
CA ALA B 44 3.13 -11.40 22.73
C ALA B 44 3.37 -12.67 21.92
N ASP B 45 4.59 -12.88 21.46
CA ASP B 45 4.93 -14.03 20.64
C ASP B 45 5.15 -15.24 21.55
N VAL B 46 4.15 -16.10 21.69
CA VAL B 46 4.25 -17.22 22.62
C VAL B 46 4.68 -18.48 21.88
N THR B 47 5.08 -18.33 20.62
CA THR B 47 5.39 -19.48 19.76
C THR B 47 6.27 -20.52 20.45
N LYS B 48 7.33 -20.08 21.13
CA LYS B 48 8.28 -20.99 21.74
C LYS B 48 7.95 -21.30 23.21
N ILE B 49 6.70 -21.11 23.61
CA ILE B 49 6.26 -21.24 24.98
C ILE B 49 5.30 -22.43 25.07
N LYS B 50 5.42 -23.20 26.16
CA LYS B 50 4.52 -24.31 26.44
C LYS B 50 3.33 -23.82 27.24
N PRO B 51 2.15 -24.40 27.03
CA PRO B 51 0.94 -23.85 27.66
C PRO B 51 1.04 -23.81 29.17
N HIS B 52 0.52 -22.74 29.77
CA HIS B 52 0.30 -22.62 31.21
CA HIS B 52 0.32 -22.69 31.22
C HIS B 52 -1.14 -22.98 31.51
N ASN B 53 -1.40 -23.34 32.77
CA ASN B 53 -2.79 -23.55 33.16
C ASN B 53 -3.57 -22.26 33.09
N SER B 54 -2.93 -21.11 33.37
CA SER B 54 -3.61 -19.82 33.26
C SER B 54 -4.07 -19.54 31.84
N HIS B 55 -3.52 -20.25 30.86
CA HIS B 55 -3.92 -20.04 29.47
C HIS B 55 -5.28 -20.63 29.14
N GLU B 56 -5.88 -21.42 30.02
CA GLU B 56 -7.08 -22.13 29.63
C GLU B 56 -8.22 -21.17 29.32
N GLY B 57 -8.91 -21.43 28.21
CA GLY B 57 -10.02 -20.60 27.78
C GLY B 57 -9.62 -19.29 27.14
N LYS B 58 -8.33 -19.00 27.00
CA LYS B 58 -7.89 -17.76 26.39
C LYS B 58 -7.77 -17.90 24.88
N THR B 59 -7.66 -16.74 24.22
CA THR B 59 -7.68 -16.63 22.77
C THR B 59 -6.27 -16.32 22.27
N PHE B 60 -5.80 -17.11 21.33
CA PHE B 60 -4.49 -16.89 20.72
C PHE B 60 -4.64 -16.59 19.23
N TYR B 61 -3.92 -15.57 18.78
CA TYR B 61 -3.81 -15.30 17.36
C TYR B 61 -2.88 -16.31 16.70
N VAL B 62 -3.28 -16.79 15.53
CA VAL B 62 -2.42 -17.68 14.75
C VAL B 62 -2.42 -17.22 13.29
N LEU B 63 -1.44 -17.69 12.52
CA LEU B 63 -1.39 -17.36 11.11
C LEU B 63 -2.40 -18.21 10.33
N PRO B 64 -2.98 -17.66 9.26
CA PRO B 64 -4.00 -18.42 8.52
C PRO B 64 -3.40 -19.58 7.76
N ASN B 65 -3.49 -20.76 8.36
CA ASN B 65 -2.88 -21.98 7.85
C ASN B 65 -3.88 -22.94 7.25
N ASP B 66 -5.17 -22.64 7.32
CA ASP B 66 -6.20 -23.44 6.68
C ASP B 66 -7.24 -22.53 6.04
N ASP B 67 -7.98 -23.07 5.08
CA ASP B 67 -8.83 -22.23 4.24
C ASP B 67 -9.86 -21.45 5.05
N THR B 68 -10.35 -22.03 6.15
CA THR B 68 -11.28 -21.31 7.00
C THR B 68 -10.64 -20.07 7.59
N LEU B 69 -9.42 -20.21 8.10
CA LEU B 69 -8.74 -19.05 8.68
C LEU B 69 -8.42 -18.02 7.59
N ARG B 70 -8.08 -18.49 6.38
CA ARG B 70 -7.73 -17.57 5.29
C ARG B 70 -8.91 -16.66 4.95
N VAL B 71 -10.09 -17.26 4.78
CA VAL B 71 -11.27 -16.49 4.42
C VAL B 71 -11.61 -15.48 5.51
N GLU B 72 -11.50 -15.90 6.78
CA GLU B 72 -11.74 -14.99 7.89
C GLU B 72 -10.74 -13.85 7.90
N ALA B 73 -9.46 -14.16 7.67
CA ALA B 73 -8.43 -13.13 7.75
C ALA B 73 -8.62 -12.08 6.66
N PHE B 74 -8.89 -12.50 5.43
CA PHE B 74 -9.10 -11.54 4.35
C PHE B 74 -10.38 -10.75 4.56
N GLU B 75 -11.47 -11.41 4.95
CA GLU B 75 -12.70 -10.66 5.16
C GLU B 75 -12.52 -9.59 6.19
N TYR B 76 -11.70 -9.86 7.20
CA TYR B 76 -11.53 -8.91 8.28
C TYR B 76 -10.51 -7.83 7.94
N TYR B 77 -9.41 -8.20 7.28
CA TYR B 77 -8.29 -7.29 7.08
C TYR B 77 -8.17 -6.78 5.64
N HIS B 78 -8.73 -7.48 4.65
CA HIS B 78 -8.63 -7.08 3.25
C HIS B 78 -7.18 -7.11 2.75
N THR B 79 -6.35 -8.00 3.29
CA THR B 79 -5.01 -8.20 2.77
C THR B 79 -4.69 -9.69 2.76
N THR B 80 -3.84 -10.08 1.80
CA THR B 80 -3.26 -11.42 1.73
C THR B 80 -1.74 -11.36 1.84
N ASP B 81 -1.20 -10.31 2.43
CA ASP B 81 0.20 -10.23 2.74
C ASP B 81 0.56 -11.30 3.76
N PRO B 82 1.50 -12.19 3.48
CA PRO B 82 1.76 -13.28 4.43
C PRO B 82 2.26 -12.81 5.78
N SER B 83 2.97 -11.67 5.84
CA SER B 83 3.55 -11.23 7.10
C SER B 83 2.67 -10.25 7.86
N PHE B 84 1.44 -10.00 7.41
CA PHE B 84 0.62 -8.96 8.03
C PHE B 84 0.30 -9.26 9.49
N LEU B 85 -0.24 -10.45 9.79
CA LEU B 85 -0.58 -10.76 11.18
C LEU B 85 0.65 -10.71 12.08
N GLY B 86 1.77 -11.25 11.61
CA GLY B 86 2.98 -11.17 12.41
C GLY B 86 3.36 -9.74 12.72
N ARG B 87 3.38 -8.90 11.68
CA ARG B 87 3.74 -7.49 11.88
C ARG B 87 2.71 -6.78 12.75
N TYR B 88 1.42 -7.06 12.53
CA TYR B 88 0.40 -6.47 13.40
C TYR B 88 0.62 -6.84 14.87
N MET B 89 0.83 -8.13 15.16
CA MET B 89 1.07 -8.55 16.53
C MET B 89 2.31 -7.90 17.13
N SER B 90 3.40 -7.80 16.35
CA SER B 90 4.62 -7.17 16.89
C SER B 90 4.34 -5.74 17.29
N ALA B 91 3.61 -5.00 16.45
CA ALA B 91 3.28 -3.62 16.79
C ALA B 91 2.38 -3.58 18.01
N LEU B 92 1.35 -4.43 18.04
CA LEU B 92 0.40 -4.41 19.14
C LEU B 92 1.09 -4.63 20.47
N ASN B 93 2.15 -5.45 20.49
CA ASN B 93 2.84 -5.69 21.75
C ASN B 93 3.47 -4.41 22.30
N HIS B 94 3.77 -3.43 21.44
CA HIS B 94 4.25 -2.12 21.88
C HIS B 94 3.10 -1.15 22.13
N THR B 95 2.23 -0.94 21.13
CA THR B 95 1.19 0.07 21.25
C THR B 95 0.24 -0.19 22.41
N LYS B 96 0.10 -1.44 22.86
CA LYS B 96 -0.77 -1.66 24.01
C LYS B 96 -0.18 -1.07 25.27
N LYS B 97 1.13 -0.80 25.27
CA LYS B 97 1.79 -0.15 26.40
C LYS B 97 1.79 1.37 26.29
N TRP B 98 1.49 1.92 25.11
CA TRP B 98 1.35 3.35 24.94
C TRP B 98 0.16 3.87 25.75
N LYS B 99 0.12 5.19 25.95
CA LYS B 99 -0.95 5.85 26.68
C LYS B 99 -1.71 6.72 25.68
N TYR B 100 -3.03 6.82 25.85
CA TYR B 100 -3.89 7.50 24.87
C TYR B 100 -4.77 8.54 25.54
N PRO B 101 -4.22 9.71 25.86
CA PRO B 101 -5.01 10.72 26.58
C PRO B 101 -6.03 11.40 25.69
N GLN B 102 -7.10 11.87 26.31
CA GLN B 102 -8.04 12.75 25.65
C GLN B 102 -7.45 14.16 25.69
N VAL B 103 -7.10 14.72 24.54
CA VAL B 103 -6.59 16.08 24.46
C VAL B 103 -7.61 16.92 23.69
N ASN B 104 -8.23 17.85 24.39
CA ASN B 104 -9.26 18.74 23.85
C ASN B 104 -10.33 17.94 23.11
N GLY B 105 -10.79 16.89 23.76
CA GLY B 105 -11.90 16.11 23.23
C GLY B 105 -11.54 15.04 22.22
N LEU B 106 -10.27 14.91 21.85
CA LEU B 106 -9.83 13.94 20.87
C LEU B 106 -8.89 12.91 21.52
N THR B 107 -8.88 11.71 20.95
CA THR B 107 -7.90 10.73 21.37
C THR B 107 -6.55 11.09 20.75
N SER B 108 -5.54 11.27 21.60
CA SER B 108 -4.15 11.48 21.20
C SER B 108 -3.30 10.26 21.61
N ILE B 109 -1.98 10.40 21.45
CA ILE B 109 -1.02 9.42 21.92
C ILE B 109 0.12 10.13 22.63
N LYS B 110 0.35 9.78 23.89
CA LYS B 110 1.57 10.19 24.58
C LYS B 110 2.78 9.74 23.82
N TRP B 111 3.77 10.62 23.68
CA TRP B 111 4.92 10.30 22.85
C TRP B 111 5.68 9.08 23.36
N ALA B 112 6.04 8.22 22.41
CA ALA B 112 6.93 7.09 22.61
C ALA B 112 7.39 6.65 21.22
N ASP B 113 8.55 5.99 21.17
CA ASP B 113 8.90 5.16 20.01
C ASP B 113 8.74 5.91 18.69
N ASN B 114 9.08 7.18 18.70
CA ASN B 114 8.98 8.03 17.50
C ASN B 114 7.58 8.01 16.87
N ASN B 115 6.53 8.09 17.70
CA ASN B 115 5.17 7.92 17.21
C ASN B 115 4.44 9.23 16.94
N SER B 116 5.14 10.36 16.77
CA SER B 116 4.39 11.60 16.62
C SER B 116 3.58 11.61 15.33
N TYR B 117 4.12 11.02 14.26
CA TYR B 117 3.37 10.97 13.00
C TYR B 117 2.07 10.18 13.18
N LEU B 118 2.07 9.16 14.05
CA LEU B 118 0.83 8.44 14.32
C LEU B 118 -0.13 9.30 15.13
N ALA B 119 0.38 10.01 16.14
CA ALA B 119 -0.48 10.91 16.91
C ALA B 119 -1.16 11.91 15.99
N THR B 120 -0.42 12.51 15.07
CA THR B 120 -1.03 13.50 14.18
C THR B 120 -2.03 12.87 13.23
N ALA B 121 -1.72 11.69 12.70
CA ALA B 121 -2.65 10.98 11.83
C ALA B 121 -3.94 10.65 12.59
N LEU B 122 -3.81 10.13 13.81
CA LEU B 122 -4.97 9.79 14.62
C LEU B 122 -5.84 11.02 14.90
N LEU B 123 -5.19 12.16 15.21
CA LEU B 123 -5.95 13.37 15.53
C LEU B 123 -6.64 13.91 14.29
N THR B 124 -6.00 13.81 13.13
CA THR B 124 -6.63 14.27 11.89
C THR B 124 -7.88 13.46 11.59
N LEU B 125 -7.78 12.12 11.70
CA LEU B 125 -8.91 11.26 11.32
C LEU B 125 -10.14 11.61 12.12
N GLN B 126 -9.98 11.98 13.39
CA GLN B 126 -11.14 12.31 14.18
C GLN B 126 -11.77 13.64 13.80
N GLN B 127 -11.21 14.35 12.82
CA GLN B 127 -11.72 15.66 12.43
C GLN B 127 -12.18 15.71 10.99
N ILE B 128 -12.11 14.61 10.25
CA ILE B 128 -12.60 14.52 8.88
C ILE B 128 -13.58 13.37 8.82
N GLU B 129 -14.43 13.39 7.80
CA GLU B 129 -15.47 12.39 7.63
C GLU B 129 -14.94 11.27 6.74
N LEU B 130 -14.90 10.06 7.26
CA LEU B 130 -14.22 8.96 6.58
C LEU B 130 -14.70 7.65 7.18
N LYS B 131 -14.99 6.67 6.33
CA LYS B 131 -15.38 5.33 6.77
C LYS B 131 -14.43 4.32 6.15
N PHE B 132 -13.80 3.52 6.99
CA PHE B 132 -12.92 2.47 6.52
C PHE B 132 -13.74 1.31 5.96
N ASN B 133 -13.14 0.58 5.02
CA ASN B 133 -13.77 -0.61 4.45
C ASN B 133 -13.43 -1.88 5.21
N PRO B 134 -12.17 -2.15 5.56
CA PRO B 134 -11.86 -3.38 6.31
C PRO B 134 -12.52 -3.37 7.67
N PRO B 135 -13.28 -4.41 8.01
CA PRO B 135 -13.87 -4.48 9.36
C PRO B 135 -12.84 -4.30 10.47
N ALA B 136 -11.62 -4.80 10.25
CA ALA B 136 -10.54 -4.60 11.21
C ALA B 136 -10.37 -3.13 11.54
N LEU B 137 -10.19 -2.30 10.50
CA LEU B 137 -10.00 -0.87 10.72
C LEU B 137 -11.24 -0.24 11.34
N GLN B 138 -12.43 -0.69 10.94
CA GLN B 138 -13.59 0.06 11.40
C GLN B 138 -13.94 -0.31 12.84
N ASP B 139 -13.73 -1.57 13.22
CA ASP B 139 -13.79 -1.94 14.65
C ASP B 139 -12.72 -1.21 15.47
N ALA B 140 -11.49 -1.17 14.98
CA ALA B 140 -10.40 -0.62 15.78
C ALA B 140 -10.48 0.89 15.86
N TYR B 141 -11.02 1.54 14.83
CA TYR B 141 -11.15 2.99 14.81
C TYR B 141 -12.23 3.46 15.78
N TYR B 142 -13.36 2.76 15.79
CA TYR B 142 -14.44 3.09 16.73
C TYR B 142 -13.91 3.03 18.16
N ARG B 143 -13.12 2.00 18.43
CA ARG B 143 -12.52 1.78 19.73
C ARG B 143 -11.42 2.79 20.04
N ALA B 144 -10.63 3.18 19.05
CA ALA B 144 -9.67 4.26 19.24
C ALA B 144 -10.37 5.57 19.58
N ARG B 145 -11.37 5.92 18.78
CA ARG B 145 -12.14 7.13 19.01
C ARG B 145 -12.69 7.21 20.44
N ALA B 146 -12.92 6.08 21.09
CA ALA B 146 -13.41 6.07 22.47
C ALA B 146 -12.30 6.08 23.50
N GLY B 147 -11.04 5.99 23.09
CA GLY B 147 -9.97 6.09 24.07
C GLY B 147 -8.93 4.99 23.98
N GLU B 148 -9.26 3.93 23.27
CA GLU B 148 -8.50 2.69 23.32
C GLU B 148 -7.94 2.42 21.93
N ALA B 149 -6.83 3.10 21.61
CA ALA B 149 -6.33 3.16 20.25
C ALA B 149 -5.25 2.14 19.94
N ALA B 150 -4.87 1.29 20.91
CA ALA B 150 -3.73 0.40 20.73
C ALA B 150 -3.89 -0.48 19.49
N ASN B 151 -5.08 -1.07 19.28
CA ASN B 151 -5.26 -1.89 18.08
C ASN B 151 -5.30 -1.04 16.82
N PHE B 152 -5.94 0.13 16.87
CA PHE B 152 -5.90 1.02 15.71
C PHE B 152 -4.47 1.38 15.33
N CYS B 153 -3.63 1.74 16.30
CA CYS B 153 -2.27 2.16 15.94
C CYS B 153 -1.45 0.99 15.40
N ALA B 154 -1.57 -0.19 15.99
CA ALA B 154 -0.89 -1.35 15.45
C ALA B 154 -1.38 -1.71 14.04
N LEU B 155 -2.67 -1.49 13.76
CA LEU B 155 -3.13 -1.75 12.41
C LEU B 155 -2.53 -0.73 11.44
N ILE B 156 -2.48 0.54 11.83
CA ILE B 156 -1.87 1.55 10.96
C ILE B 156 -0.43 1.17 10.65
N LEU B 157 0.35 0.88 11.68
CA LEU B 157 1.70 0.38 11.48
C LEU B 157 1.73 -0.81 10.50
N ALA B 158 0.83 -1.79 10.70
CA ALA B 158 0.86 -3.00 9.89
C ALA B 158 0.45 -2.71 8.45
N TYR B 159 -0.62 -1.94 8.25
CA TYR B 159 -1.00 -1.56 6.90
C TYR B 159 0.06 -0.68 6.21
N CYS B 160 0.77 0.19 6.94
CA CYS B 160 1.76 1.07 6.32
C CYS B 160 3.14 0.44 6.20
N ASN B 161 3.33 -0.79 6.66
CA ASN B 161 4.64 -1.46 6.57
C ASN B 161 5.73 -0.67 7.28
N LYS B 162 5.37 -0.11 8.42
CA LYS B 162 6.30 0.58 9.29
C LYS B 162 6.29 -0.17 10.62
N THR B 163 7.48 -0.47 11.15
CA THR B 163 7.55 -1.04 12.49
C THR B 163 7.67 0.06 13.54
N VAL B 164 7.35 -0.31 14.78
CA VAL B 164 7.45 0.61 15.91
C VAL B 164 8.83 1.24 15.95
N GLY B 165 8.87 2.55 16.09
CA GLY B 165 10.12 3.28 16.16
C GLY B 165 10.63 3.76 14.83
N GLU B 166 10.10 3.23 13.74
CA GLU B 166 10.59 3.60 12.42
C GLU B 166 10.09 4.99 12.04
N LEU B 167 10.86 5.67 11.19
CA LEU B 167 10.51 7.01 10.75
C LEU B 167 9.27 6.96 9.86
N GLY B 168 8.29 7.81 10.16
CA GLY B 168 7.03 7.81 9.43
C GLY B 168 6.71 9.16 8.80
N ASP B 169 5.94 9.11 7.73
CA ASP B 169 5.42 10.29 7.05
C ASP B 169 3.90 10.33 7.23
N VAL B 170 3.37 11.50 7.62
CA VAL B 170 1.92 11.61 7.85
C VAL B 170 1.17 11.47 6.53
N ARG B 171 1.60 12.19 5.49
CA ARG B 171 0.93 12.10 4.20
C ARG B 171 0.90 10.66 3.68
N GLU B 172 2.03 9.95 3.75
CA GLU B 172 2.08 8.58 3.25
C GLU B 172 1.16 7.67 4.05
N THR B 173 1.12 7.85 5.36
CA THR B 173 0.21 7.08 6.20
C THR B 173 -1.25 7.38 5.84
N MET B 174 -1.59 8.66 5.67
CA MET B 174 -2.96 9.00 5.30
C MET B 174 -3.32 8.36 3.97
N SER B 175 -2.35 8.29 3.05
CA SER B 175 -2.57 7.66 1.77
C SER B 175 -3.03 6.21 1.94
N TYR B 176 -2.30 5.43 2.74
CA TYR B 176 -2.67 4.04 2.98
C TYR B 176 -4.07 3.95 3.56
N LEU B 177 -4.34 4.74 4.60
CA LEU B 177 -5.65 4.65 5.22
C LEU B 177 -6.74 5.06 4.25
N PHE B 178 -6.45 6.04 3.37
CA PHE B 178 -7.44 6.44 2.37
C PHE B 178 -7.71 5.32 1.37
N GLN B 179 -6.67 4.56 1.00
CA GLN B 179 -6.87 3.36 0.18
C GLN B 179 -7.88 2.42 0.81
N HIS B 180 -7.96 2.39 2.13
CA HIS B 180 -8.80 1.43 2.85
C HIS B 180 -10.06 2.10 3.36
N ALA B 181 -10.52 3.12 2.66
CA ALA B 181 -11.69 3.89 3.07
C ALA B 181 -12.58 4.06 1.86
N ASN B 182 -13.86 4.27 2.10
CA ASN B 182 -14.78 4.51 0.99
C ASN B 182 -14.68 5.97 0.59
N LEU B 183 -13.95 6.24 -0.49
CA LEU B 183 -13.88 7.56 -1.07
C LEU B 183 -14.40 7.58 -2.51
N ASP B 184 -15.21 6.59 -2.89
CA ASP B 184 -15.64 6.51 -4.28
C ASP B 184 -16.47 7.70 -4.71
N SER B 185 -17.28 8.29 -3.82
CA SER B 185 -18.05 9.49 -4.16
C SER B 185 -17.18 10.73 -4.39
N CYS B 186 -15.85 10.67 -4.32
CA CYS B 186 -15.03 11.87 -4.42
C CYS B 186 -14.59 12.10 -5.87
N LYS B 187 -14.71 13.35 -6.32
CA LYS B 187 -14.36 13.70 -7.69
C LYS B 187 -13.61 15.03 -7.68
N ARG B 188 -12.63 15.17 -8.57
CA ARG B 188 -11.90 16.42 -8.73
C ARG B 188 -11.67 16.66 -10.21
N VAL B 189 -11.87 17.91 -10.65
CA VAL B 189 -11.67 18.32 -12.03
C VAL B 189 -10.64 19.43 -12.06
N LEU B 190 -9.58 19.24 -12.84
CA LEU B 190 -8.49 20.20 -12.97
C LEU B 190 -8.33 20.61 -14.42
N ASN B 191 -7.83 21.83 -14.62
CA ASN B 191 -7.48 22.32 -15.95
C ASN B 191 -6.06 22.86 -15.91
N VAL B 192 -5.36 22.75 -17.05
CA VAL B 192 -3.95 23.07 -17.17
C VAL B 192 -3.74 23.87 -18.44
N VAL B 193 -3.23 25.10 -18.29
CA VAL B 193 -3.16 26.06 -19.39
C VAL B 193 -1.69 26.42 -19.66
N CYS B 194 -1.26 26.23 -20.91
CA CYS B 194 0.08 26.51 -21.37
C CYS B 194 -0.01 27.39 -22.60
N LYS B 195 0.85 28.41 -22.67
CA LYS B 195 0.71 29.41 -23.72
C LYS B 195 0.96 28.83 -25.10
N THR B 196 1.93 27.91 -25.21
CA THR B 196 2.21 27.25 -26.48
C THR B 196 1.32 26.03 -26.71
N CYS B 197 0.99 25.29 -25.65
CA CYS B 197 0.37 23.98 -25.79
C CYS B 197 -1.15 24.01 -25.69
N GLY B 198 -1.71 25.00 -25.00
CA GLY B 198 -3.15 25.13 -24.87
C GLY B 198 -3.67 24.63 -23.53
N GLN B 199 -4.96 24.28 -23.54
CA GLN B 199 -5.66 23.80 -22.37
C GLN B 199 -5.72 22.28 -22.35
N GLN B 200 -5.87 21.73 -21.14
CA GLN B 200 -6.10 20.30 -20.98
C GLN B 200 -6.72 20.08 -19.62
N GLN B 201 -7.92 19.52 -19.60
CA GLN B 201 -8.63 19.23 -18.37
C GLN B 201 -8.40 17.77 -17.97
N THR B 202 -8.44 17.51 -16.66
CA THR B 202 -8.25 16.17 -16.13
C THR B 202 -9.24 15.94 -14.99
N THR B 203 -9.71 14.70 -14.88
CA THR B 203 -10.66 14.30 -13.86
C THR B 203 -10.03 13.23 -12.97
N LEU B 204 -10.07 13.44 -11.65
CA LEU B 204 -9.49 12.52 -10.68
C LEU B 204 -10.61 11.98 -9.81
N LYS B 205 -10.47 10.71 -9.39
CA LYS B 205 -11.50 10.04 -8.59
C LYS B 205 -10.86 9.29 -7.44
N GLY B 206 -11.62 9.14 -6.36
CA GLY B 206 -11.14 8.44 -5.19
C GLY B 206 -10.06 9.21 -4.46
N VAL B 207 -9.02 8.47 -4.04
CA VAL B 207 -7.98 9.05 -3.21
C VAL B 207 -7.31 10.23 -3.91
N GLU B 208 -7.04 10.09 -5.21
CA GLU B 208 -6.42 11.18 -5.95
C GLU B 208 -7.30 12.42 -5.99
N ALA B 209 -8.60 12.29 -5.76
CA ALA B 209 -9.47 13.45 -5.79
C ALA B 209 -9.39 14.28 -4.52
N VAL B 210 -8.83 13.75 -3.43
CA VAL B 210 -8.76 14.50 -2.17
C VAL B 210 -7.34 14.84 -1.76
N MET B 211 -6.34 14.34 -2.47
CA MET B 211 -4.95 14.61 -2.13
C MET B 211 -4.29 15.44 -3.22
N TYR B 212 -3.54 16.46 -2.82
CA TYR B 212 -2.71 17.21 -3.75
C TYR B 212 -1.37 17.48 -3.09
N MET B 213 -0.31 17.42 -3.90
CA MET B 213 1.05 17.65 -3.46
C MET B 213 1.63 18.84 -4.23
N GLY B 214 1.97 19.91 -3.52
CA GLY B 214 2.58 21.03 -4.20
C GLY B 214 2.30 22.36 -3.56
N THR B 215 1.13 22.51 -2.94
CA THR B 215 0.77 23.73 -2.25
C THR B 215 -0.06 23.39 -1.03
N LEU B 216 0.14 24.18 0.04
CA LEU B 216 -0.64 24.04 1.26
C LEU B 216 -1.97 24.78 1.18
N SER B 217 -2.10 25.73 0.26
CA SER B 217 -3.24 26.63 0.25
C SER B 217 -4.30 26.10 -0.69
N TYR B 218 -5.49 25.84 -0.15
CA TYR B 218 -6.61 25.45 -0.99
C TYR B 218 -7.08 26.63 -1.83
N GLU B 219 -7.03 27.84 -1.27
CA GLU B 219 -7.36 29.04 -2.05
C GLU B 219 -6.41 29.20 -3.23
N GLN B 220 -5.10 29.06 -2.99
CA GLN B 220 -4.16 29.13 -4.09
C GLN B 220 -4.45 28.08 -5.14
N PHE B 221 -4.81 26.87 -4.70
CA PHE B 221 -5.20 25.79 -5.62
C PHE B 221 -6.37 26.22 -6.51
N LYS B 222 -7.39 26.86 -5.93
CA LYS B 222 -8.51 27.32 -6.74
C LYS B 222 -8.07 28.38 -7.74
N LYS B 223 -7.16 29.28 -7.32
CA LYS B 223 -6.73 30.38 -8.18
C LYS B 223 -5.74 29.94 -9.25
N GLY B 224 -4.88 28.99 -8.94
CA GLY B 224 -3.90 28.47 -9.88
C GLY B 224 -2.53 28.26 -9.28
N VAL B 225 -1.82 27.24 -9.77
CA VAL B 225 -0.43 26.99 -9.36
C VAL B 225 0.41 26.79 -10.62
N GLN B 226 1.72 27.00 -10.46
CA GLN B 226 2.64 26.95 -11.59
C GLN B 226 3.40 25.62 -11.58
N ILE B 227 3.43 24.97 -12.74
CA ILE B 227 3.99 23.64 -12.97
C ILE B 227 4.52 23.56 -14.40
N PRO B 228 5.51 22.72 -14.68
CA PRO B 228 6.07 22.66 -16.03
C PRO B 228 5.35 21.64 -16.89
N CYS B 229 5.32 21.89 -18.21
CA CYS B 229 4.81 20.85 -19.09
C CYS B 229 5.86 20.46 -20.13
N THR B 230 5.47 19.55 -21.01
CA THR B 230 6.40 18.88 -21.93
C THR B 230 7.18 19.87 -22.79
N CYS B 231 6.58 21.02 -23.13
CA CYS B 231 7.27 21.93 -24.05
C CYS B 231 8.46 22.60 -23.39
N GLY B 232 8.36 22.94 -22.10
CA GLY B 232 9.44 23.59 -21.38
C GLY B 232 9.04 24.80 -20.53
N LYS B 233 7.83 25.32 -20.72
CA LYS B 233 7.35 26.53 -20.05
C LYS B 233 6.66 26.17 -18.75
N GLN B 234 6.17 27.19 -18.04
CA GLN B 234 5.28 26.94 -16.93
C GLN B 234 3.83 26.96 -17.42
N ALA B 235 3.08 25.90 -17.12
CA ALA B 235 1.63 25.95 -17.24
C ALA B 235 1.02 26.27 -15.88
N THR B 236 -0.22 26.67 -15.91
CA THR B 236 -0.99 26.89 -14.71
C THR B 236 -1.98 25.74 -14.50
N LYS B 237 -2.22 25.39 -13.23
CA LYS B 237 -3.23 24.41 -12.83
C LYS B 237 -4.13 25.02 -11.75
N TYR B 238 -5.40 25.34 -12.10
CA TYR B 238 -6.49 25.38 -11.12
C TYR B 238 -7.33 24.12 -10.97
N LEU B 239 -8.13 24.25 -9.90
CA LEU B 239 -9.28 23.41 -9.56
C LEU B 239 -10.53 23.89 -10.30
N VAL B 240 -11.11 23.01 -11.11
CA VAL B 240 -12.37 23.28 -11.81
C VAL B 240 -13.58 22.85 -10.97
N GLN B 241 -13.58 21.63 -10.42
CA GLN B 241 -14.66 21.23 -9.52
C GLN B 241 -14.16 20.22 -8.48
N GLN B 242 -14.79 20.25 -7.31
CA GLN B 242 -14.43 19.36 -6.21
C GLN B 242 -15.67 18.79 -5.54
N GLU B 243 -15.68 17.47 -5.34
CA GLU B 243 -16.76 16.77 -4.64
C GLU B 243 -16.16 15.82 -3.62
N SER B 244 -16.11 16.25 -2.35
CA SER B 244 -15.53 15.45 -1.28
C SER B 244 -15.82 16.13 0.05
N PRO B 245 -15.86 15.39 1.16
CA PRO B 245 -16.15 16.01 2.46
C PRO B 245 -14.96 16.70 3.10
N PHE B 246 -13.78 16.56 2.50
CA PHE B 246 -12.57 17.22 2.96
C PHE B 246 -11.59 17.22 1.81
N VAL B 247 -10.54 18.01 1.94
CA VAL B 247 -9.41 17.92 1.02
C VAL B 247 -8.14 18.02 1.84
N MET B 248 -7.09 17.36 1.34
CA MET B 248 -5.77 17.36 1.96
C MET B 248 -4.80 18.04 1.00
N MET B 249 -4.23 19.16 1.44
CA MET B 249 -3.19 19.84 0.67
C MET B 249 -1.84 19.57 1.34
N SER B 250 -0.83 19.21 0.54
CA SER B 250 0.47 18.89 1.08
C SER B 250 1.58 19.52 0.25
N ALA B 251 2.72 19.73 0.90
CA ALA B 251 3.92 20.21 0.25
C ALA B 251 5.09 19.96 1.19
N PRO B 252 6.32 19.93 0.68
CA PRO B 252 7.47 19.76 1.57
C PRO B 252 7.46 20.83 2.64
N PRO B 253 7.84 20.50 3.88
CA PRO B 253 7.72 21.46 4.97
C PRO B 253 8.32 22.80 4.61
N ALA B 254 7.60 23.85 4.99
CA ALA B 254 7.98 25.20 4.66
C ALA B 254 7.28 26.10 5.67
N GLN B 255 7.90 27.24 5.94
CA GLN B 255 7.29 28.19 6.84
C GLN B 255 5.97 28.67 6.26
N TYR B 256 4.92 28.57 7.06
CA TYR B 256 3.55 28.83 6.59
C TYR B 256 2.76 29.42 7.74
N GLU B 257 1.71 30.22 7.47
CA GLU B 257 1.05 30.89 8.58
C GLU B 257 -0.30 30.18 8.61
N LEU B 258 -0.75 29.73 9.77
CA LEU B 258 -2.10 29.18 9.88
C LEU B 258 -3.07 30.19 10.47
N LYS B 259 -4.02 30.65 9.65
CA LYS B 259 -5.02 31.62 10.08
C LYS B 259 -6.22 30.91 10.70
N HIS B 260 -6.61 31.36 11.88
CA HIS B 260 -7.75 30.80 12.59
C HIS B 260 -9.00 30.80 11.71
N GLY B 261 -9.66 29.64 11.63
CA GLY B 261 -10.92 29.51 10.92
C GLY B 261 -10.83 29.47 9.41
N THR B 262 -9.64 29.31 8.85
CA THR B 262 -9.46 29.19 7.41
C THR B 262 -9.13 27.77 6.97
N PHE B 263 -9.03 26.84 7.91
CA PHE B 263 -8.63 25.46 7.66
C PHE B 263 -9.19 24.62 8.80
N THR B 264 -9.17 23.29 8.62
CA THR B 264 -9.59 22.37 9.68
C THR B 264 -8.44 22.01 10.62
N CYS B 265 -7.35 21.45 10.09
CA CYS B 265 -6.23 21.07 10.94
C CYS B 265 -5.02 20.83 10.04
N ALA B 266 -3.86 20.64 10.65
CA ALA B 266 -2.62 20.64 9.89
C ALA B 266 -1.54 19.84 10.60
N SER B 267 -0.57 19.38 9.80
CA SER B 267 0.63 18.72 10.30
C SER B 267 1.80 19.67 10.19
N GLU B 268 2.60 19.74 11.25
CA GLU B 268 3.83 20.52 11.28
C GLU B 268 4.99 19.57 11.46
N TYR B 269 6.01 19.68 10.62
CA TYR B 269 7.18 18.83 10.69
C TYR B 269 8.43 19.68 10.89
N THR B 270 9.20 19.35 11.93
CA THR B 270 10.46 20.02 12.23
C THR B 270 11.58 18.98 12.18
N GLY B 271 12.53 19.14 11.26
CA GLY B 271 13.61 18.18 11.10
C GLY B 271 14.09 18.16 9.65
N ASN B 272 14.71 17.04 9.27
CA ASN B 272 15.18 16.82 7.89
C ASN B 272 14.63 15.48 7.40
N TYR B 273 15.20 14.91 6.33
CA TYR B 273 14.80 13.53 6.01
C TYR B 273 15.05 12.59 7.18
N GLN B 274 16.23 12.64 7.82
CA GLN B 274 16.59 11.51 8.69
C GLN B 274 15.75 11.49 9.94
N SER B 275 15.51 12.64 10.55
CA SER B 275 14.78 12.65 11.81
C SER B 275 14.09 14.00 12.00
N GLY B 276 12.96 13.95 12.66
CA GLY B 276 12.17 15.14 12.90
C GLY B 276 11.06 14.83 13.88
N HIS B 277 10.12 15.74 13.98
CA HIS B 277 9.01 15.59 14.93
C HIS B 277 7.79 16.28 14.35
N TYR B 278 6.66 15.59 14.39
CA TYR B 278 5.40 16.17 13.97
C TYR B 278 4.71 16.80 15.16
N LYS B 279 4.00 17.90 14.90
CA LYS B 279 3.00 18.42 15.81
C LYS B 279 1.73 18.60 15.01
N HIS B 280 0.62 18.67 15.73
CA HIS B 280 -0.72 18.81 15.16
C HIS B 280 -1.30 20.16 15.55
N ILE B 281 -1.91 20.85 14.59
CA ILE B 281 -2.56 22.13 14.86
C ILE B 281 -4.01 22.01 14.42
N THR B 282 -4.93 22.33 15.34
CA THR B 282 -6.34 22.24 15.05
C THR B 282 -7.00 23.61 15.31
N SER B 283 -7.93 23.97 14.43
CA SER B 283 -8.59 25.27 14.46
C SER B 283 -9.98 25.06 15.04
N LYS B 284 -10.16 25.47 16.29
CA LYS B 284 -11.45 25.40 16.96
C LYS B 284 -11.91 26.80 17.32
N GLU B 285 -12.25 27.03 18.59
CA GLU B 285 -12.54 28.39 19.05
C GLU B 285 -11.28 29.26 19.04
N THR B 286 -10.11 28.64 18.95
CA THR B 286 -8.81 29.28 18.74
C THR B 286 -7.92 28.21 18.10
N LEU B 287 -6.60 28.44 18.04
CA LEU B 287 -5.69 27.46 17.47
C LEU B 287 -5.02 26.68 18.60
N TYR B 288 -5.27 25.37 18.64
CA TYR B 288 -4.63 24.46 19.58
C TYR B 288 -3.53 23.68 18.87
N CYS B 289 -2.35 23.64 19.49
CA CYS B 289 -1.26 22.77 19.06
C CYS B 289 -1.20 21.55 19.98
N ILE B 290 -1.52 20.37 19.44
CA ILE B 290 -1.43 19.11 20.17
C ILE B 290 -0.16 18.39 19.73
N ASP B 291 0.70 18.12 20.70
CA ASP B 291 1.99 17.43 20.53
C ASP B 291 1.94 16.22 21.43
N GLY B 292 1.21 15.19 20.98
CA GLY B 292 1.00 14.00 21.80
C GLY B 292 0.14 14.27 23.02
N ALA B 293 0.73 14.22 24.21
CA ALA B 293 0.00 14.56 25.43
C ALA B 293 -0.07 16.07 25.68
N LEU B 294 0.80 16.85 25.03
CA LEU B 294 0.94 18.28 25.28
C LEU B 294 -0.08 19.11 24.50
N LEU B 295 -0.48 20.24 25.07
CA LEU B 295 -1.45 21.13 24.46
C LEU B 295 -1.08 22.57 24.75
N THR B 296 -1.02 23.39 23.71
CA THR B 296 -0.85 24.82 23.85
C THR B 296 -1.84 25.50 22.93
N LYS B 297 -2.07 26.79 23.16
CA LYS B 297 -2.99 27.56 22.34
C LYS B 297 -2.36 28.89 21.98
N SER B 298 -2.79 29.42 20.84
CA SER B 298 -2.40 30.75 20.40
C SER B 298 -3.49 31.27 19.47
N SER B 299 -3.48 32.57 19.23
CA SER B 299 -4.45 33.16 18.32
C SER B 299 -3.97 33.13 16.88
N GLU B 300 -2.75 32.65 16.66
CA GLU B 300 -1.93 32.75 15.45
C GLU B 300 -0.71 31.86 15.51
N TYR B 301 -0.35 31.34 14.34
CA TYR B 301 0.57 30.21 14.22
C TYR B 301 1.36 30.36 12.93
N LYS B 302 2.67 30.43 13.05
CA LYS B 302 3.60 30.39 11.93
C LYS B 302 4.54 29.24 12.24
N GLY B 303 4.76 28.34 11.27
CA GLY B 303 5.50 27.13 11.52
C GLY B 303 5.82 26.39 10.24
N PRO B 304 6.66 25.34 10.33
CA PRO B 304 6.96 24.55 9.13
C PRO B 304 5.87 23.54 8.88
N ILE B 305 4.89 23.95 8.09
CA ILE B 305 3.68 23.17 7.87
C ILE B 305 3.85 22.32 6.62
N THR B 306 3.29 21.10 6.67
CA THR B 306 3.48 20.17 5.56
C THR B 306 2.17 19.56 5.05
N ASP B 307 1.15 19.42 5.89
CA ASP B 307 -0.18 18.99 5.46
C ASP B 307 -1.20 19.92 6.10
N VAL B 308 -2.13 20.44 5.29
CA VAL B 308 -3.28 21.16 5.80
C VAL B 308 -4.55 20.49 5.30
N PHE B 309 -5.53 20.36 6.20
CA PHE B 309 -6.80 19.71 5.92
C PHE B 309 -7.92 20.75 5.90
N TYR B 310 -8.76 20.66 4.89
CA TYR B 310 -9.81 21.65 4.66
C TYR B 310 -11.16 20.97 4.57
N LYS B 311 -12.17 21.66 5.10
CA LYS B 311 -13.54 21.20 5.01
C LYS B 311 -14.06 21.42 3.58
N GLU B 312 -14.88 20.49 3.10
CA GLU B 312 -15.44 20.64 1.75
C GLU B 312 -16.73 19.84 1.64
N ASN B 313 -17.52 20.16 0.62
CA ASN B 313 -18.65 19.33 0.19
C ASN B 313 -18.83 19.39 -1.32
N SER B 314 -19.11 20.56 -1.88
CA SER B 314 -19.14 20.70 -3.34
C SER B 314 -18.71 22.10 -3.69
N TYR B 315 -17.77 22.21 -4.63
CA TYR B 315 -17.22 23.48 -5.09
C TYR B 315 -17.08 23.46 -6.60
N THR B 316 -17.45 24.56 -7.25
CA THR B 316 -17.27 24.73 -8.68
C THR B 316 -16.65 26.10 -8.91
N THR B 317 -15.74 26.19 -9.87
CA THR B 317 -15.00 27.41 -10.09
C THR B 317 -15.85 28.43 -10.85
N THR B 318 -15.58 29.71 -10.59
CA THR B 318 -16.14 30.79 -11.39
C THR B 318 -15.22 31.21 -12.53
N ILE B 319 -13.96 30.77 -12.51
CA ILE B 319 -13.00 31.04 -13.58
C ILE B 319 -13.57 30.63 -14.93
N LYS B 320 -13.69 31.61 -15.84
CA LYS B 320 -14.05 31.35 -17.22
C LYS B 320 -12.78 31.04 -18.01
N PRO B 321 -12.70 29.90 -18.70
CA PRO B 321 -11.50 29.54 -19.48
C PRO B 321 -11.28 30.52 -20.63
#